data_5ZL9
#
_entry.id   5ZL9
#
_cell.length_a   71.770
_cell.length_b   190.030
_cell.length_c   132.820
_cell.angle_alpha   90.00
_cell.angle_beta   90.00
_cell.angle_gamma   90.00
#
_symmetry.space_group_name_H-M   'C 2 2 21'
#
loop_
_entity.id
_entity.type
_entity.pdbx_description
1 polymer 'Chitinase AB'
2 non-polymer GLYCEROL
3 water water
#
_entity_poly.entity_id   1
_entity_poly.type   'polypeptide(L)'
_entity_poly.pdbx_seq_one_letter_code
;AAPGKPTIAWGNTKFAIVEVDQAATAYNNLVKVKNAADVSVSWNLWNGDTGTTAKVLLNGKEAWSGPSTGSSGTANFKVN
KGGRYQMQVALCNADGCTASDATEIVVADTDGSHLAPLKEPLLEKNKPYKQNSGKVVGSYFVEWGVYGRNFTVDKIPAQN
LTHLLYGFIPICGGNGINDSLKEIEGSFQALQRSCQGREDFKVSIHDPFAALQKAQKGVTAWDDPYKGNFGQLMALKQAH
PDLKILPSIGGWTLSDPFFFMGDKVKRDRFVGSVKEFLQTWKFFDGVDIDWEFPGGKGANPNLGSPQDGETYVLLMKELR
AMLDQLSVETGRKYELTSAISAGKDKIDKFYSFVNVAQNSMDHIFLMSYDFYGAFDLKNLGHQTALNAPAWKPDTAYTTV
NGVNALLAQGVKPGKIVVGTAMYGRGWTGVNGYQNNIPFTGTATGPVKGTWENGIVDYRQIAGQFMSGEWQYTYDATAEA
PYVFKPSTGDLITFDDARSVQAKGKYVLDKQLGGLFSWEIDADNGDILNSMNASLGAADYDDSQLDMGTGLRYTGVGPGN
LPIMTAPAYVPGTTYAQGALVSYQGYVWQTKWGYITSAPGSDSAWLKVGRVAHHHHHH
;
_entity_poly.pdbx_strand_id   A
#
# COMPACT_ATOMS: atom_id res chain seq x y z
N ALA A 1 35.21 35.81 -31.22
CA ALA A 1 34.14 35.95 -30.22
C ALA A 1 33.73 34.56 -29.73
N ALA A 2 32.78 34.52 -28.78
CA ALA A 2 32.23 33.25 -28.30
C ALA A 2 31.59 32.50 -29.47
N PRO A 3 31.52 31.16 -29.39
CA PRO A 3 31.00 30.40 -30.53
C PRO A 3 29.51 30.69 -30.72
N GLY A 4 28.99 30.21 -31.86
CA GLY A 4 27.58 30.34 -32.13
C GLY A 4 26.75 29.47 -31.20
N LYS A 5 25.44 29.65 -31.27
CA LYS A 5 24.54 28.93 -30.38
C LYS A 5 24.25 27.53 -30.93
N PRO A 6 24.63 26.47 -30.25
CA PRO A 6 24.35 25.13 -30.76
C PRO A 6 22.88 24.75 -30.57
N THR A 7 22.45 23.73 -31.29
CA THR A 7 21.10 23.22 -31.17
C THR A 7 21.13 21.76 -30.76
N ILE A 8 20.50 21.43 -29.64
CA ILE A 8 20.42 20.04 -29.21
C ILE A 8 19.59 19.26 -30.21
N ALA A 9 20.05 18.06 -30.53
CA ALA A 9 19.31 17.22 -31.46
C ALA A 9 18.15 16.51 -30.77
N TRP A 10 17.12 16.20 -31.54
CA TRP A 10 16.04 15.33 -31.06
C TRP A 10 16.60 13.98 -30.65
N GLY A 11 16.22 13.54 -29.45
CA GLY A 11 16.67 12.26 -28.96
C GLY A 11 15.89 11.89 -27.71
N ASN A 12 16.24 10.74 -27.16
CA ASN A 12 15.56 10.30 -25.96
C ASN A 12 15.91 11.20 -24.79
N THR A 13 14.91 11.54 -23.97
CA THR A 13 15.10 12.42 -22.83
C THR A 13 14.66 11.78 -21.51
N LYS A 14 14.46 10.46 -21.47
CA LYS A 14 14.01 9.77 -20.28
C LYS A 14 15.03 8.71 -19.89
N PHE A 15 15.48 8.75 -18.64
CA PHE A 15 16.56 7.87 -18.16
C PHE A 15 16.21 7.42 -16.75
N ALA A 16 16.94 6.42 -16.28
CA ALA A 16 16.58 5.77 -15.03
C ALA A 16 17.83 5.36 -14.27
N ILE A 17 17.86 5.69 -12.98
CA ILE A 17 18.95 5.20 -12.14
C ILE A 17 18.71 3.75 -11.77
N VAL A 18 17.48 3.39 -11.46
CA VAL A 18 17.05 2.01 -11.25
C VAL A 18 16.19 1.61 -12.43
N GLU A 19 16.62 0.62 -13.19
CA GLU A 19 15.84 0.17 -14.34
C GLU A 19 14.83 -0.92 -13.96
N VAL A 20 13.70 -0.94 -14.67
CA VAL A 20 12.67 -1.95 -14.49
C VAL A 20 12.32 -2.53 -15.86
N ASP A 21 12.39 -3.85 -15.98
CA ASP A 21 11.97 -4.56 -17.17
C ASP A 21 10.47 -4.83 -17.07
N GLN A 22 9.72 -4.41 -18.09
CA GLN A 22 8.27 -4.43 -18.05
C GLN A 22 7.66 -5.78 -18.41
N ALA A 23 8.38 -6.64 -19.14
CA ALA A 23 7.87 -7.97 -19.44
C ALA A 23 8.24 -9.00 -18.39
N ALA A 24 9.18 -8.66 -17.51
CA ALA A 24 9.70 -9.61 -16.54
C ALA A 24 8.60 -10.15 -15.63
N THR A 25 8.69 -11.44 -15.33
CA THR A 25 7.83 -12.07 -14.36
C THR A 25 8.56 -12.46 -13.08
N ALA A 26 9.88 -12.62 -13.13
CA ALA A 26 10.67 -12.95 -11.95
C ALA A 26 11.33 -11.70 -11.38
N TYR A 27 11.37 -11.62 -10.05
CA TYR A 27 11.86 -10.42 -9.39
C TYR A 27 13.33 -10.16 -9.74
N ASN A 28 14.12 -11.23 -9.87
CA ASN A 28 15.53 -11.08 -10.19
C ASN A 28 15.73 -10.44 -11.55
N ASN A 29 14.79 -10.66 -12.47
CA ASN A 29 14.87 -10.10 -13.81
C ASN A 29 14.08 -8.81 -13.95
N LEU A 30 13.54 -8.29 -12.85
CA LEU A 30 12.60 -7.19 -12.90
C LEU A 30 13.26 -5.84 -12.70
N VAL A 31 14.27 -5.76 -11.83
CA VAL A 31 14.85 -4.49 -11.43
C VAL A 31 16.36 -4.60 -11.48
N LYS A 32 17.02 -3.56 -12.01
CA LYS A 32 18.47 -3.42 -11.97
C LYS A 32 18.82 -2.07 -11.37
N VAL A 33 19.57 -2.08 -10.28
CA VAL A 33 19.97 -0.87 -9.59
C VAL A 33 21.34 -0.45 -10.11
N LYS A 34 21.44 0.79 -10.55
CA LYS A 34 22.69 1.39 -10.97
C LYS A 34 23.07 2.51 -10.01
N ASN A 35 24.33 2.93 -10.09
CA ASN A 35 24.79 4.04 -9.28
C ASN A 35 24.37 5.37 -9.87
N ALA A 36 24.15 5.39 -11.17
CA ALA A 36 23.76 6.59 -11.89
C ALA A 36 23.07 6.16 -13.17
N ALA A 37 22.35 7.09 -13.79
CA ALA A 37 21.82 6.87 -15.12
C ALA A 37 22.85 7.31 -16.16
N ASP A 38 22.87 6.60 -17.27
CA ASP A 38 23.72 6.94 -18.40
C ASP A 38 22.94 7.86 -19.31
N VAL A 39 23.30 9.13 -19.30
CA VAL A 39 22.60 10.15 -20.08
C VAL A 39 23.42 10.45 -21.32
N SER A 40 22.72 10.73 -22.42
CA SER A 40 23.37 11.05 -23.68
C SER A 40 22.67 12.25 -24.32
N VAL A 41 23.46 13.08 -25.01
CA VAL A 41 22.91 14.24 -25.71
C VAL A 41 23.75 14.47 -26.95
N SER A 42 23.10 14.79 -28.07
CA SER A 42 23.78 15.18 -29.28
C SER A 42 23.39 16.61 -29.67
N TRP A 43 24.24 17.25 -30.47
CA TRP A 43 23.98 18.64 -30.84
C TRP A 43 24.62 18.96 -32.18
N ASN A 44 24.25 20.12 -32.72
CA ASN A 44 24.81 20.62 -33.96
C ASN A 44 24.98 22.12 -33.87
N LEU A 45 25.91 22.62 -34.69
CA LEU A 45 26.05 24.05 -34.97
C LEU A 45 26.46 24.08 -36.44
N TRP A 46 25.50 24.37 -37.32
CA TRP A 46 25.69 24.14 -38.73
C TRP A 46 26.49 25.23 -39.43
N ASN A 47 26.57 26.41 -38.83
CA ASN A 47 27.30 27.53 -39.40
C ASN A 47 27.99 28.29 -38.28
N GLY A 48 29.29 28.53 -38.45
CA GLY A 48 30.05 29.31 -37.48
C GLY A 48 31.14 28.49 -36.82
N ASP A 49 31.92 29.19 -35.99
CA ASP A 49 33.00 28.53 -35.26
C ASP A 49 32.40 27.67 -34.17
N THR A 50 32.75 26.39 -34.18
CA THR A 50 32.20 25.46 -33.22
C THR A 50 32.93 25.48 -31.87
N GLY A 51 33.81 26.47 -31.66
CA GLY A 51 34.58 26.54 -30.43
C GLY A 51 35.57 25.38 -30.29
N THR A 52 36.26 25.35 -29.14
CA THR A 52 37.16 24.25 -28.83
C THR A 52 36.67 23.37 -27.69
N THR A 53 35.68 23.81 -26.92
CA THR A 53 35.15 23.01 -25.82
C THR A 53 33.64 22.92 -25.93
N ALA A 54 33.11 21.76 -25.55
CA ALA A 54 31.68 21.55 -25.42
C ALA A 54 31.38 21.21 -23.96
N LYS A 55 30.29 21.77 -23.45
CA LYS A 55 29.85 21.54 -22.07
C LYS A 55 28.38 21.17 -22.08
N VAL A 56 28.01 20.19 -21.26
CA VAL A 56 26.60 19.92 -20.97
C VAL A 56 26.31 20.46 -19.58
N LEU A 57 25.20 21.18 -19.44
CA LEU A 57 24.77 21.70 -18.16
C LEU A 57 23.39 21.17 -17.85
N LEU A 58 23.17 20.83 -16.58
CA LEU A 58 21.85 20.55 -16.03
C LEU A 58 21.54 21.65 -15.03
N ASN A 59 20.41 22.34 -15.23
CA ASN A 59 20.07 23.52 -14.44
C ASN A 59 21.29 24.38 -14.18
N GLY A 60 22.03 24.68 -15.25
CA GLY A 60 23.15 25.59 -15.19
C GLY A 60 24.43 25.01 -14.64
N LYS A 61 24.39 23.86 -13.96
CA LYS A 61 25.57 23.28 -13.35
C LYS A 61 26.21 22.30 -14.34
N GLU A 62 27.54 22.34 -14.44
CA GLU A 62 28.19 21.61 -15.52
C GLU A 62 28.25 20.12 -15.20
N ALA A 63 27.82 19.31 -16.17
CA ALA A 63 27.76 17.86 -16.05
C ALA A 63 28.79 17.13 -16.90
N TRP A 64 29.41 17.80 -17.87
CA TRP A 64 30.30 17.10 -18.80
C TRP A 64 31.03 18.14 -19.64
N SER A 65 32.29 17.86 -19.93
CA SER A 65 33.08 18.73 -20.80
C SER A 65 33.93 17.87 -21.73
N GLY A 66 34.20 18.39 -22.91
CA GLY A 66 35.00 17.70 -23.89
C GLY A 66 35.39 18.61 -25.03
N PRO A 67 36.25 18.10 -25.92
CA PRO A 67 36.62 18.87 -27.11
C PRO A 67 35.45 19.05 -28.06
N SER A 68 35.34 20.26 -28.62
CA SER A 68 34.39 20.53 -29.70
C SER A 68 35.11 20.30 -31.04
N THR A 69 34.78 19.21 -31.73
CA THR A 69 35.57 18.74 -32.88
C THR A 69 34.90 19.01 -34.23
N GLY A 70 33.84 19.80 -34.27
CA GLY A 70 33.17 20.02 -35.53
C GLY A 70 31.77 20.53 -35.29
N SER A 71 30.98 20.50 -36.35
CA SER A 71 29.62 21.01 -36.28
C SER A 71 28.65 20.02 -35.66
N SER A 72 29.12 18.85 -35.20
CA SER A 72 28.25 17.88 -34.54
C SER A 72 28.96 17.28 -33.35
N GLY A 73 28.17 16.89 -32.34
CA GLY A 73 28.75 16.33 -31.13
C GLY A 73 27.78 15.43 -30.39
N THR A 74 28.34 14.53 -29.60
CA THR A 74 27.58 13.72 -28.66
C THR A 74 28.36 13.67 -27.35
N ALA A 75 27.63 13.72 -26.23
CA ALA A 75 28.21 13.53 -24.92
C ALA A 75 27.45 12.43 -24.18
N ASN A 76 28.18 11.60 -23.45
CA ASN A 76 27.60 10.60 -22.57
C ASN A 76 28.09 10.86 -21.16
N PHE A 77 27.17 10.94 -20.22
CA PHE A 77 27.56 11.28 -18.85
C PHE A 77 26.58 10.66 -17.88
N LYS A 78 26.96 10.68 -16.60
CA LYS A 78 26.25 10.01 -15.54
C LYS A 78 25.53 11.02 -14.65
N VAL A 79 24.26 10.75 -14.37
CA VAL A 79 23.48 11.52 -13.43
C VAL A 79 23.08 10.59 -12.28
N ASN A 80 23.47 10.96 -11.07
CA ASN A 80 23.30 10.07 -9.93
C ASN A 80 22.15 10.45 -9.02
N LYS A 81 21.39 11.51 -9.35
CA LYS A 81 20.25 11.97 -8.57
C LYS A 81 19.05 12.12 -9.48
N GLY A 82 17.91 11.57 -9.06
CA GLY A 82 16.71 11.65 -9.87
C GLY A 82 16.17 13.06 -9.92
N GLY A 83 15.40 13.34 -10.96
CA GLY A 83 14.75 14.64 -11.09
C GLY A 83 14.49 14.96 -12.54
N ARG A 84 13.85 16.10 -12.76
CA ARG A 84 13.68 16.70 -14.08
C ARG A 84 14.68 17.84 -14.21
N TYR A 85 15.53 17.77 -15.21
CA TYR A 85 16.55 18.80 -15.39
C TYR A 85 16.32 19.54 -16.70
N GLN A 86 16.78 20.78 -16.73
CA GLN A 86 16.90 21.57 -17.95
C GLN A 86 18.33 21.40 -18.45
N MET A 87 18.50 20.62 -19.51
CA MET A 87 19.80 20.33 -20.07
C MET A 87 20.10 21.37 -21.15
N GLN A 88 21.33 21.90 -21.14
CA GLN A 88 21.81 22.71 -22.25
C GLN A 88 23.19 22.24 -22.66
N VAL A 89 23.51 22.51 -23.92
CA VAL A 89 24.86 22.34 -24.46
C VAL A 89 25.48 23.70 -24.67
N ALA A 90 26.73 23.87 -24.26
CA ALA A 90 27.45 25.10 -24.52
C ALA A 90 28.71 24.80 -25.31
N LEU A 91 28.96 25.60 -26.33
CA LEU A 91 30.22 25.61 -27.05
C LEU A 91 31.05 26.79 -26.55
N CYS A 92 32.33 26.56 -26.30
CA CYS A 92 33.18 27.56 -25.68
C CYS A 92 34.45 27.77 -26.48
N ASN A 93 35.04 28.94 -26.29
CA ASN A 93 36.46 29.15 -26.63
C ASN A 93 37.00 30.20 -25.67
N ALA A 94 38.14 30.77 -26.00
CA ALA A 94 38.79 31.71 -25.10
C ALA A 94 37.93 32.96 -24.86
N ASP A 95 36.97 33.26 -25.75
CA ASP A 95 36.12 34.43 -25.59
C ASP A 95 34.83 34.18 -24.82
N GLY A 96 34.52 32.93 -24.46
CA GLY A 96 33.32 32.66 -23.70
C GLY A 96 32.54 31.44 -24.16
N CYS A 97 31.42 31.18 -23.50
CA CYS A 97 30.58 30.05 -23.80
C CYS A 97 29.22 30.54 -24.29
N THR A 98 28.66 29.83 -25.26
CA THR A 98 27.34 30.13 -25.80
C THR A 98 26.44 28.91 -25.65
N ALA A 99 25.38 29.03 -24.85
CA ALA A 99 24.55 27.90 -24.44
C ALA A 99 23.35 27.73 -25.35
N SER A 100 22.89 26.49 -25.46
CA SER A 100 21.67 26.17 -26.21
C SER A 100 20.44 26.56 -25.40
N ASP A 101 19.29 26.60 -26.09
CA ASP A 101 18.02 26.50 -25.39
C ASP A 101 17.98 25.22 -24.56
N ALA A 102 17.12 25.21 -23.54
CA ALA A 102 17.02 24.06 -22.65
C ALA A 102 16.21 22.94 -23.29
N THR A 103 16.71 21.71 -23.17
CA THR A 103 15.95 20.49 -23.41
C THR A 103 15.80 19.75 -22.08
N GLU A 104 14.57 19.39 -21.75
CA GLU A 104 14.28 18.83 -20.44
C GLU A 104 14.49 17.30 -20.47
N ILE A 105 15.21 16.80 -19.47
CA ILE A 105 15.40 15.36 -19.32
C ILE A 105 14.77 14.93 -18.00
N VAL A 106 14.35 13.67 -17.98
CA VAL A 106 13.79 13.05 -16.79
C VAL A 106 14.70 11.91 -16.38
N VAL A 107 15.29 12.02 -15.18
CA VAL A 107 16.11 10.94 -14.63
C VAL A 107 15.33 10.33 -13.46
N ALA A 108 14.92 9.08 -13.64
CA ALA A 108 14.05 8.42 -12.69
C ALA A 108 14.86 7.79 -11.56
N ASP A 109 14.23 7.72 -10.38
CA ASP A 109 14.79 7.03 -9.23
C ASP A 109 13.66 6.66 -8.28
N THR A 110 13.89 5.61 -7.48
CA THR A 110 12.81 4.98 -6.74
C THR A 110 12.37 5.77 -5.51
N ASP A 111 12.85 7.00 -5.35
CA ASP A 111 12.30 7.91 -4.36
C ASP A 111 11.19 8.78 -4.92
N GLY A 112 10.98 8.76 -6.25
CA GLY A 112 9.98 9.58 -6.89
C GLY A 112 10.44 10.97 -7.27
N SER A 113 11.74 11.27 -7.15
CA SER A 113 12.24 12.61 -7.37
C SER A 113 12.02 13.11 -8.78
N HIS A 114 11.67 12.23 -9.72
CA HIS A 114 11.35 12.60 -11.11
C HIS A 114 9.85 12.81 -11.33
N LEU A 115 9.01 12.57 -10.34
CA LEU A 115 7.56 12.60 -10.51
C LEU A 115 6.94 13.85 -9.89
N ALA A 116 5.92 14.40 -10.56
CA ALA A 116 5.11 15.44 -9.96
C ALA A 116 4.30 14.87 -8.80
N PRO A 117 4.00 15.68 -7.79
CA PRO A 117 3.19 15.19 -6.67
C PRO A 117 1.86 14.63 -7.15
N LEU A 118 1.56 13.40 -6.74
CA LEU A 118 0.22 12.83 -6.87
C LEU A 118 -0.62 13.39 -5.73
N LYS A 119 -1.23 14.55 -5.98
CA LYS A 119 -2.02 15.26 -4.97
C LYS A 119 -3.47 15.24 -5.47
N GLU A 120 -4.19 14.25 -5.06
CA GLU A 120 -5.49 13.90 -5.65
C GLU A 120 -6.63 14.44 -4.81
N PRO A 121 -7.74 14.82 -5.44
CA PRO A 121 -8.91 15.26 -4.66
C PRO A 121 -9.46 14.12 -3.80
N LEU A 122 -10.03 14.47 -2.65
CA LEU A 122 -10.66 13.47 -1.82
C LEU A 122 -11.92 12.95 -2.51
N LEU A 123 -12.15 11.65 -2.41
CA LEU A 123 -13.29 11.01 -3.08
C LEU A 123 -14.32 10.58 -2.05
N GLU A 124 -15.51 10.24 -2.55
CA GLU A 124 -16.62 9.73 -1.73
C GLU A 124 -16.82 10.67 -0.54
N LYS A 125 -16.94 10.15 0.67
CA LYS A 125 -17.26 10.96 1.83
C LYS A 125 -16.04 11.50 2.53
N ASN A 126 -14.83 11.26 2.02
CA ASN A 126 -13.65 11.69 2.74
C ASN A 126 -13.65 13.20 2.88
N LYS A 127 -13.25 13.67 4.06
CA LYS A 127 -13.14 15.09 4.39
C LYS A 127 -11.71 15.43 4.76
N PRO A 128 -11.27 16.67 4.50
CA PRO A 128 -9.88 17.05 4.82
C PRO A 128 -9.68 17.36 6.30
N TYR A 129 -8.55 16.90 6.85
CA TYR A 129 -8.26 17.07 8.26
C TYR A 129 -6.82 17.50 8.43
N LYS A 130 -6.57 18.24 9.51
CA LYS A 130 -5.24 18.75 9.87
C LYS A 130 -4.61 17.82 10.91
N GLN A 131 -3.49 17.17 10.53
CA GLN A 131 -2.78 16.22 11.39
C GLN A 131 -2.15 16.88 12.62
N ASN A 132 -2.97 17.44 13.51
CA ASN A 132 -2.43 17.96 14.78
C ASN A 132 -2.63 17.01 15.94
N SER A 133 -3.16 15.81 15.71
CA SER A 133 -3.47 14.90 16.82
C SER A 133 -2.20 14.41 17.51
N GLY A 134 -1.07 14.41 16.80
CA GLY A 134 0.12 13.75 17.31
C GLY A 134 0.06 12.24 17.34
N LYS A 135 -1.07 11.64 17.01
CA LYS A 135 -1.22 10.19 17.06
C LYS A 135 -1.05 9.58 15.68
N VAL A 136 -0.94 8.26 15.66
CA VAL A 136 -0.88 7.47 14.43
C VAL A 136 -2.27 7.33 13.82
N VAL A 137 -2.38 7.61 12.53
CA VAL A 137 -3.59 7.34 11.75
C VAL A 137 -3.12 6.57 10.53
N GLY A 138 -3.34 5.25 10.52
CA GLY A 138 -2.77 4.38 9.52
C GLY A 138 -3.81 3.47 8.89
N SER A 139 -3.48 3.02 7.69
CA SER A 139 -4.37 2.10 6.98
C SER A 139 -3.55 1.23 6.05
N TYR A 140 -4.12 0.09 5.69
CA TYR A 140 -3.51 -0.87 4.77
C TYR A 140 -4.08 -0.71 3.37
N PHE A 141 -3.19 -0.74 2.38
CA PHE A 141 -3.53 -0.77 0.95
C PHE A 141 -3.10 -2.12 0.40
N VAL A 142 -4.03 -2.84 -0.25
CA VAL A 142 -3.69 -4.19 -0.73
C VAL A 142 -3.24 -4.11 -2.19
N GLU A 143 -2.15 -4.84 -2.47
CA GLU A 143 -1.57 -4.88 -3.80
C GLU A 143 -2.59 -5.26 -4.85
N TRP A 144 -3.41 -6.27 -4.58
CA TRP A 144 -4.40 -6.78 -5.51
C TRP A 144 -5.70 -5.97 -5.53
N GLY A 145 -5.83 -4.90 -4.74
CA GLY A 145 -7.05 -4.10 -4.81
C GLY A 145 -7.24 -3.38 -6.13
N VAL A 146 -6.19 -3.30 -6.96
CA VAL A 146 -6.25 -2.58 -8.22
C VAL A 146 -7.02 -3.35 -9.28
N TYR A 147 -7.49 -4.54 -8.97
CA TYR A 147 -8.23 -5.35 -9.93
C TYR A 147 -9.72 -5.26 -9.66
N GLY A 148 -10.30 -6.33 -9.09
CA GLY A 148 -11.74 -6.34 -8.86
C GLY A 148 -12.22 -5.19 -7.99
N ARG A 149 -11.49 -4.88 -6.91
CA ARG A 149 -11.87 -3.78 -6.04
C ARG A 149 -11.71 -2.41 -6.69
N ASN A 150 -10.98 -2.33 -7.81
CA ASN A 150 -10.86 -1.10 -8.61
C ASN A 150 -10.33 0.07 -7.76
N PHE A 151 -9.42 -0.21 -6.84
CA PHE A 151 -8.97 0.79 -5.89
C PHE A 151 -7.47 0.99 -6.04
N THR A 152 -7.08 2.04 -6.73
CA THR A 152 -5.67 2.33 -6.97
C THR A 152 -5.17 3.40 -6.02
N VAL A 153 -3.85 3.61 -6.08
CA VAL A 153 -3.18 4.49 -5.13
C VAL A 153 -3.70 5.92 -5.24
N ASP A 154 -4.14 6.33 -6.42
CA ASP A 154 -4.66 7.69 -6.55
C ASP A 154 -5.99 7.89 -5.83
N LYS A 155 -6.66 6.81 -5.42
CA LYS A 155 -7.86 6.90 -4.62
C LYS A 155 -7.60 6.90 -3.13
N ILE A 156 -6.36 6.73 -2.69
CA ILE A 156 -6.10 6.75 -1.24
C ILE A 156 -6.32 8.16 -0.72
N PRO A 157 -7.08 8.35 0.36
CA PRO A 157 -7.16 9.70 0.97
C PRO A 157 -5.93 10.00 1.81
N ALA A 158 -4.78 10.15 1.13
CA ALA A 158 -3.47 10.10 1.77
C ALA A 158 -3.26 11.23 2.77
N GLN A 159 -3.91 12.37 2.56
CA GLN A 159 -3.73 13.50 3.47
C GLN A 159 -4.25 13.23 4.87
N ASN A 160 -5.14 12.24 5.01
CA ASN A 160 -5.73 11.90 6.30
C ASN A 160 -5.06 10.68 6.93
N LEU A 161 -3.88 10.31 6.46
CA LEU A 161 -3.12 9.20 7.00
C LEU A 161 -1.79 9.71 7.52
N THR A 162 -1.30 9.09 8.59
CA THR A 162 0.10 9.21 8.98
C THR A 162 0.93 8.05 8.48
N HIS A 163 0.34 6.85 8.46
CA HIS A 163 1.01 5.65 7.98
C HIS A 163 0.16 5.00 6.90
N LEU A 164 0.81 4.63 5.79
CA LEU A 164 0.18 3.79 4.78
C LEU A 164 0.96 2.48 4.67
N LEU A 165 0.30 1.36 4.94
CA LEU A 165 0.96 0.06 4.92
C LEU A 165 0.62 -0.70 3.66
N TYR A 166 1.62 -1.37 3.08
CA TYR A 166 1.49 -2.01 1.79
C TYR A 166 1.44 -3.52 1.98
N GLY A 167 0.25 -4.10 1.84
CA GLY A 167 0.09 -5.53 1.97
C GLY A 167 -0.09 -6.21 0.63
N PHE A 168 0.78 -7.16 0.32
CA PHE A 168 1.81 -7.64 1.23
C PHE A 168 3.02 -7.96 0.40
N ILE A 169 4.21 -7.78 1.00
CA ILE A 169 5.48 -8.20 0.42
C ILE A 169 5.68 -9.64 0.84
N PRO A 170 5.92 -10.57 -0.07
CA PRO A 170 6.01 -11.99 0.31
C PRO A 170 7.45 -12.40 0.60
N ILE A 171 7.56 -13.62 1.15
CA ILE A 171 8.84 -14.30 1.36
C ILE A 171 8.89 -15.51 0.44
N CYS A 172 10.00 -15.65 -0.29
CA CYS A 172 10.12 -16.67 -1.31
C CYS A 172 10.20 -18.06 -0.69
N GLY A 173 9.62 -19.03 -1.40
CA GLY A 173 9.59 -20.40 -0.95
C GLY A 173 8.44 -21.18 -1.57
N GLY A 174 8.73 -22.40 -2.00
CA GLY A 174 7.71 -23.29 -2.53
C GLY A 174 7.12 -24.23 -1.50
N ASN A 175 7.01 -25.52 -1.86
CA ASN A 175 6.32 -26.48 -1.00
C ASN A 175 6.94 -26.53 0.39
N GLY A 176 6.07 -26.68 1.39
CA GLY A 176 6.49 -26.59 2.77
C GLY A 176 6.76 -25.20 3.30
N ILE A 177 7.03 -24.22 2.42
CA ILE A 177 7.42 -22.89 2.88
C ILE A 177 6.30 -21.88 2.71
N ASN A 178 5.43 -22.04 1.73
CA ASN A 178 4.30 -21.15 1.53
C ASN A 178 3.04 -21.94 1.24
N ASP A 179 2.91 -23.11 1.86
CA ASP A 179 1.75 -23.97 1.61
C ASP A 179 0.43 -23.22 1.78
N SER A 180 0.36 -22.27 2.73
CA SER A 180 -0.87 -21.52 2.93
C SER A 180 -1.33 -20.79 1.66
N LEU A 181 -0.38 -20.38 0.81
CA LEU A 181 -0.75 -19.69 -0.42
C LEU A 181 -1.61 -20.57 -1.32
N LYS A 182 -1.46 -21.90 -1.25
CA LYS A 182 -2.20 -22.81 -2.11
C LYS A 182 -3.71 -22.69 -1.93
N GLU A 183 -4.17 -22.21 -0.78
CA GLU A 183 -5.61 -22.09 -0.62
C GLU A 183 -6.20 -21.01 -1.50
N ILE A 184 -5.39 -20.12 -2.08
CA ILE A 184 -5.89 -19.08 -2.98
C ILE A 184 -5.48 -19.45 -4.39
N GLU A 185 -6.48 -19.52 -5.27
CA GLU A 185 -6.27 -20.01 -6.63
C GLU A 185 -5.25 -19.15 -7.35
N GLY A 186 -4.20 -19.79 -7.88
CA GLY A 186 -3.14 -19.13 -8.60
C GLY A 186 -2.12 -18.39 -7.75
N SER A 187 -2.37 -18.23 -6.45
CA SER A 187 -1.52 -17.38 -5.63
C SER A 187 -0.17 -18.01 -5.33
N PHE A 188 -0.16 -19.32 -5.03
CA PHE A 188 1.11 -20.00 -4.79
C PHE A 188 1.95 -20.02 -6.05
N GLN A 189 1.31 -20.32 -7.18
CA GLN A 189 2.02 -20.35 -8.45
C GLN A 189 2.57 -18.97 -8.80
N ALA A 190 1.77 -17.93 -8.58
CA ALA A 190 2.25 -16.57 -8.84
C ALA A 190 3.54 -16.31 -8.07
N LEU A 191 3.63 -16.78 -6.83
CA LEU A 191 4.84 -16.52 -6.05
C LEU A 191 6.02 -17.31 -6.58
N GLN A 192 5.78 -18.51 -7.11
CA GLN A 192 6.90 -19.27 -7.66
C GLN A 192 7.44 -18.58 -8.90
N ARG A 193 6.53 -18.15 -9.78
CA ARG A 193 6.92 -17.34 -10.93
C ARG A 193 7.80 -16.19 -10.48
N SER A 194 7.39 -15.48 -9.43
CA SER A 194 8.10 -14.29 -9.04
C SER A 194 9.48 -14.62 -8.45
N CYS A 195 9.60 -15.78 -7.81
CA CYS A 195 10.83 -16.14 -7.13
C CYS A 195 11.70 -17.07 -7.96
N GLN A 196 11.41 -17.22 -9.25
CA GLN A 196 12.25 -18.03 -10.12
C GLN A 196 13.71 -17.63 -9.99
N GLY A 197 14.55 -18.62 -9.67
CA GLY A 197 15.95 -18.33 -9.51
C GLY A 197 16.28 -17.48 -8.31
N ARG A 198 15.37 -17.33 -7.37
CA ARG A 198 15.61 -16.51 -6.20
C ARG A 198 15.64 -17.39 -4.95
N GLU A 199 16.62 -17.16 -4.08
CA GLU A 199 16.76 -17.93 -2.85
C GLU A 199 15.48 -17.90 -2.03
N ASP A 200 15.14 -19.05 -1.47
CA ASP A 200 14.07 -19.12 -0.49
C ASP A 200 14.43 -18.27 0.72
N PHE A 201 13.40 -17.70 1.37
CA PHE A 201 13.50 -16.86 2.55
C PHE A 201 14.02 -15.46 2.28
N LYS A 202 14.18 -15.09 1.00
CA LYS A 202 14.33 -13.71 0.61
C LYS A 202 12.97 -13.11 0.25
N VAL A 203 12.79 -11.82 0.58
CA VAL A 203 11.57 -11.13 0.15
C VAL A 203 11.52 -11.05 -1.37
N SER A 204 10.31 -10.86 -1.89
CA SER A 204 10.11 -10.59 -3.31
C SER A 204 8.91 -9.65 -3.43
N ILE A 205 8.35 -9.57 -4.63
CA ILE A 205 7.10 -8.88 -4.90
C ILE A 205 6.13 -9.94 -5.41
N HIS A 206 4.95 -10.03 -4.79
CA HIS A 206 4.07 -11.14 -5.13
C HIS A 206 3.54 -11.00 -6.55
N ASP A 207 3.10 -9.80 -6.93
CA ASP A 207 2.51 -9.51 -8.23
C ASP A 207 3.31 -8.38 -8.85
N PRO A 208 4.39 -8.70 -9.57
CA PRO A 208 5.20 -7.63 -10.18
C PRO A 208 4.42 -6.73 -11.12
N PHE A 209 3.43 -7.27 -11.81
CA PHE A 209 2.64 -6.47 -12.73
C PHE A 209 1.88 -5.38 -11.99
N ALA A 210 1.05 -5.77 -11.01
CA ALA A 210 0.31 -4.77 -10.22
C ALA A 210 1.25 -3.79 -9.52
N ALA A 211 2.38 -4.28 -9.02
CA ALA A 211 3.29 -3.44 -8.24
C ALA A 211 4.07 -2.46 -9.10
N LEU A 212 4.45 -2.82 -10.33
CA LEU A 212 5.41 -2.02 -11.10
C LEU A 212 5.03 -1.72 -12.55
N GLN A 213 4.24 -2.59 -13.20
CA GLN A 213 4.08 -2.57 -14.65
C GLN A 213 2.74 -2.06 -15.14
N LYS A 214 1.65 -2.26 -14.37
CA LYS A 214 0.34 -1.84 -14.81
C LYS A 214 0.23 -0.31 -14.83
N ALA A 215 -0.10 0.24 -16.00
CA ALA A 215 -0.31 1.67 -16.14
C ALA A 215 -1.31 2.17 -15.12
N GLN A 216 -0.97 3.28 -14.48
CA GLN A 216 -1.88 3.92 -13.54
C GLN A 216 -1.72 5.42 -13.68
N LYS A 217 -2.61 6.16 -13.01
CA LYS A 217 -2.64 7.60 -13.19
C LYS A 217 -1.29 8.23 -12.84
N GLY A 218 -0.79 9.08 -13.74
CA GLY A 218 0.47 9.75 -13.57
C GLY A 218 1.69 8.89 -13.83
N VAL A 219 1.51 7.59 -14.06
CA VAL A 219 2.60 6.68 -14.43
C VAL A 219 2.04 5.72 -15.46
N THR A 220 1.84 6.23 -16.69
CA THR A 220 1.13 5.53 -17.75
C THR A 220 1.98 4.98 -18.88
N ALA A 221 3.19 5.51 -19.07
CA ALA A 221 3.91 5.34 -20.33
C ALA A 221 4.82 4.11 -20.30
N TRP A 222 4.98 3.49 -21.47
CA TRP A 222 5.86 2.33 -21.63
C TRP A 222 7.25 2.62 -21.06
N ASP A 223 7.77 3.83 -21.24
CA ASP A 223 9.08 4.13 -20.72
C ASP A 223 9.03 4.96 -19.44
N ASP A 224 7.90 4.96 -18.74
CA ASP A 224 7.90 5.27 -17.33
C ASP A 224 8.45 4.04 -16.59
N PRO A 225 9.58 4.14 -15.91
CA PRO A 225 10.17 2.90 -15.34
C PRO A 225 9.32 2.28 -14.26
N TYR A 226 8.71 3.09 -13.40
CA TYR A 226 7.97 2.58 -12.24
C TYR A 226 6.49 2.93 -12.41
N LYS A 227 5.67 1.94 -12.70
CA LYS A 227 4.24 2.15 -12.79
C LYS A 227 3.56 1.33 -11.70
N GLY A 228 2.28 0.99 -11.88
CA GLY A 228 1.59 0.19 -10.87
C GLY A 228 1.58 0.89 -9.53
N ASN A 229 1.60 0.10 -8.46
CA ASN A 229 1.45 0.68 -7.14
C ASN A 229 2.72 1.37 -6.68
N PHE A 230 3.89 0.81 -7.00
CA PHE A 230 5.14 1.41 -6.56
C PHE A 230 5.34 2.79 -7.18
N GLY A 231 5.10 2.91 -8.49
CA GLY A 231 5.23 4.22 -9.12
C GLY A 231 4.33 5.24 -8.49
N GLN A 232 3.04 4.91 -8.31
CA GLN A 232 2.11 5.84 -7.70
C GLN A 232 2.49 6.15 -6.26
N LEU A 233 2.90 5.14 -5.49
CA LEU A 233 3.33 5.41 -4.13
C LEU A 233 4.49 6.40 -4.12
N MET A 234 5.37 6.32 -5.12
CA MET A 234 6.47 7.26 -5.23
C MET A 234 5.98 8.68 -5.50
N ALA A 235 4.98 8.81 -6.38
CA ALA A 235 4.39 10.12 -6.62
C ALA A 235 3.67 10.62 -5.38
N LEU A 236 2.94 9.72 -4.70
CA LEU A 236 2.27 10.08 -3.45
C LEU A 236 3.27 10.62 -2.43
N LYS A 237 4.42 9.96 -2.34
CA LYS A 237 5.48 10.41 -1.43
C LYS A 237 5.91 11.83 -1.75
N GLN A 238 5.94 12.19 -3.04
CA GLN A 238 6.24 13.56 -3.41
C GLN A 238 5.17 14.51 -2.91
N ALA A 239 3.91 14.08 -2.92
CA ALA A 239 2.83 14.96 -2.49
C ALA A 239 2.74 15.04 -0.97
N HIS A 240 3.06 13.97 -0.26
CA HIS A 240 2.94 13.92 1.20
C HIS A 240 4.23 13.36 1.78
N PRO A 241 5.28 14.18 1.84
CA PRO A 241 6.60 13.65 2.23
C PRO A 241 6.71 13.24 3.69
N ASP A 242 5.76 13.61 4.54
CA ASP A 242 5.73 13.15 5.92
C ASP A 242 4.95 11.86 6.09
N LEU A 243 4.20 11.45 5.08
CA LEU A 243 3.54 10.16 5.11
C LEU A 243 4.59 9.05 5.18
N LYS A 244 4.39 8.12 6.11
CA LYS A 244 5.23 6.95 6.23
C LYS A 244 4.59 5.82 5.45
N ILE A 245 5.28 5.34 4.42
CA ILE A 245 4.82 4.22 3.62
C ILE A 245 5.66 3.00 4.01
N LEU A 246 5.02 2.01 4.57
CA LEU A 246 5.73 0.85 5.01
C LEU A 246 5.33 -0.37 4.20
N PRO A 247 6.28 -1.20 3.78
CA PRO A 247 5.93 -2.52 3.22
C PRO A 247 5.62 -3.49 4.36
N SER A 248 4.57 -4.27 4.17
CA SER A 248 4.10 -5.17 5.20
C SER A 248 4.40 -6.59 4.73
N ILE A 249 5.26 -7.28 5.46
CA ILE A 249 5.67 -8.64 5.15
C ILE A 249 4.83 -9.59 5.99
N GLY A 250 4.08 -10.46 5.32
CA GLY A 250 3.32 -11.47 6.03
C GLY A 250 1.83 -11.44 5.73
N GLY A 251 1.04 -11.46 6.78
CA GLY A 251 -0.39 -11.59 6.61
C GLY A 251 -0.79 -13.05 6.70
N TRP A 252 -2.06 -13.28 6.42
CA TRP A 252 -2.68 -14.57 6.70
C TRP A 252 -2.05 -15.71 5.88
N THR A 253 -1.79 -15.49 4.58
CA THR A 253 -1.33 -16.57 3.70
C THR A 253 0.14 -16.48 3.34
N LEU A 254 0.84 -15.44 3.80
CA LEU A 254 2.25 -15.25 3.50
C LEU A 254 3.09 -15.29 4.76
N SER A 255 2.55 -15.85 5.85
CA SER A 255 3.25 -15.90 7.11
C SER A 255 4.06 -17.18 7.32
N ASP A 256 3.71 -18.27 6.62
CA ASP A 256 4.39 -19.55 6.85
C ASP A 256 5.90 -19.43 6.93
N PRO A 257 6.60 -18.68 6.08
CA PRO A 257 8.06 -18.70 6.16
C PRO A 257 8.63 -18.18 7.47
N PHE A 258 7.91 -17.34 8.21
CA PHE A 258 8.43 -16.88 9.50
C PHE A 258 8.73 -18.05 10.42
N PHE A 259 7.92 -19.11 10.34
CA PHE A 259 8.03 -20.23 11.26
C PHE A 259 9.36 -20.96 11.15
N PHE A 260 10.08 -20.76 10.05
CA PHE A 260 11.37 -21.38 9.84
C PHE A 260 12.52 -20.51 10.31
N MET A 261 12.25 -19.27 10.72
CA MET A 261 13.31 -18.30 10.98
C MET A 261 13.91 -18.43 12.37
N GLY A 262 13.58 -19.51 13.09
CA GLY A 262 14.42 -19.91 14.21
C GLY A 262 15.82 -20.23 13.76
N ASP A 263 15.97 -20.80 12.56
CA ASP A 263 17.26 -20.92 11.90
C ASP A 263 17.81 -19.53 11.59
N LYS A 264 18.93 -19.18 12.21
CA LYS A 264 19.52 -17.86 12.00
C LYS A 264 20.01 -17.71 10.56
N VAL A 265 20.51 -18.79 9.96
CA VAL A 265 20.87 -18.76 8.55
C VAL A 265 19.72 -18.23 7.71
N LYS A 266 18.52 -18.78 7.92
CA LYS A 266 17.37 -18.30 7.16
C LYS A 266 17.05 -16.87 7.54
N ARG A 267 17.03 -16.57 8.85
CA ARG A 267 16.66 -15.25 9.33
C ARG A 267 17.61 -14.17 8.83
N ASP A 268 18.93 -14.43 8.88
CA ASP A 268 19.91 -13.49 8.33
C ASP A 268 19.68 -13.25 6.84
N ARG A 269 19.41 -14.31 6.08
CA ARG A 269 19.07 -14.17 4.67
C ARG A 269 17.87 -13.24 4.50
N PHE A 270 16.81 -13.50 5.26
CA PHE A 270 15.61 -12.66 5.22
C PHE A 270 15.93 -11.21 5.56
N VAL A 271 16.60 -11.00 6.71
CA VAL A 271 16.90 -9.64 7.15
C VAL A 271 17.72 -8.91 6.10
N GLY A 272 18.70 -9.59 5.48
CA GLY A 272 19.48 -8.97 4.45
C GLY A 272 18.65 -8.62 3.23
N SER A 273 17.84 -9.57 2.75
CA SER A 273 17.00 -9.28 1.59
C SER A 273 16.06 -8.11 1.86
N VAL A 274 15.68 -7.88 3.12
CA VAL A 274 14.88 -6.71 3.46
C VAL A 274 15.72 -5.44 3.33
N LYS A 275 16.97 -5.47 3.80
CA LYS A 275 17.84 -4.30 3.63
C LYS A 275 18.02 -3.98 2.15
N GLU A 276 18.21 -5.00 1.33
CA GLU A 276 18.33 -4.78 -0.10
C GLU A 276 17.04 -4.19 -0.67
N PHE A 277 15.89 -4.67 -0.18
CA PHE A 277 14.60 -4.19 -0.67
C PHE A 277 14.44 -2.70 -0.43
N LEU A 278 14.74 -2.25 0.79
CA LEU A 278 14.62 -0.84 1.12
C LEU A 278 15.65 -0.01 0.34
N GLN A 279 16.78 -0.61 -0.06
CA GLN A 279 17.77 0.08 -0.87
C GLN A 279 17.34 0.18 -2.32
N THR A 280 16.67 -0.84 -2.82
CA THR A 280 16.11 -0.81 -4.16
C THR A 280 14.91 0.13 -4.26
N TRP A 281 14.10 0.24 -3.22
CA TRP A 281 12.82 0.94 -3.28
C TRP A 281 12.84 2.03 -2.21
N LYS A 282 13.49 3.15 -2.54
CA LYS A 282 13.79 4.20 -1.57
C LYS A 282 12.55 4.93 -1.05
N PHE A 283 11.38 4.77 -1.69
CA PHE A 283 10.20 5.46 -1.20
C PHE A 283 9.66 4.84 0.08
N PHE A 284 9.97 3.57 0.35
CA PHE A 284 9.56 2.92 1.60
C PHE A 284 10.35 3.47 2.78
N ASP A 285 9.67 3.56 3.94
CA ASP A 285 10.18 4.25 5.12
C ASP A 285 10.50 3.29 6.27
N GLY A 286 10.66 2.00 6.01
CA GLY A 286 10.88 1.03 7.06
C GLY A 286 10.22 -0.29 6.69
N VAL A 287 9.82 -1.06 7.69
CA VAL A 287 9.22 -2.36 7.43
C VAL A 287 8.21 -2.68 8.52
N ASP A 288 7.08 -3.25 8.11
CA ASP A 288 6.05 -3.78 9.01
C ASP A 288 6.04 -5.30 8.91
N ILE A 289 6.12 -5.97 10.06
CA ILE A 289 6.14 -7.44 10.12
C ILE A 289 4.78 -7.93 10.62
N ASP A 290 4.08 -8.67 9.77
CA ASP A 290 2.74 -9.18 10.08
C ASP A 290 2.78 -10.71 10.09
N TRP A 291 3.52 -11.27 11.04
CA TRP A 291 3.59 -12.72 11.24
C TRP A 291 2.32 -13.18 11.95
N GLU A 292 1.48 -13.93 11.25
CA GLU A 292 0.23 -14.44 11.81
C GLU A 292 0.33 -15.97 11.92
N PHE A 293 0.67 -16.49 13.10
CA PHE A 293 1.08 -15.76 14.31
C PHE A 293 2.22 -16.55 14.93
N PRO A 294 3.09 -15.89 15.69
CA PRO A 294 4.09 -16.65 16.47
C PRO A 294 3.37 -17.62 17.41
N GLY A 295 3.84 -18.87 17.40
CA GLY A 295 3.21 -19.90 18.18
C GLY A 295 2.18 -20.72 17.43
N GLY A 296 1.62 -20.17 16.35
CA GLY A 296 0.74 -20.90 15.48
C GLY A 296 -0.67 -20.35 15.50
N LYS A 297 -1.60 -21.20 15.08
CA LYS A 297 -3.03 -20.87 14.97
C LYS A 297 -3.28 -19.76 13.95
N GLY A 298 -2.41 -19.65 12.95
CA GLY A 298 -2.71 -18.88 11.76
C GLY A 298 -3.39 -19.76 10.74
N ALA A 299 -3.10 -19.48 9.46
CA ALA A 299 -3.70 -20.25 8.38
C ALA A 299 -3.25 -21.71 8.40
N ASN A 300 -1.99 -21.94 8.76
CA ASN A 300 -1.40 -23.25 8.57
C ASN A 300 -1.49 -24.06 9.85
N PRO A 301 -2.27 -25.13 9.90
CA PRO A 301 -2.43 -25.90 11.14
C PRO A 301 -1.21 -26.75 11.49
N ASN A 302 -0.23 -26.86 10.61
CA ASN A 302 0.97 -27.63 10.87
C ASN A 302 2.15 -26.77 11.33
N LEU A 303 1.95 -25.48 11.56
CA LEU A 303 3.06 -24.60 11.89
C LEU A 303 2.79 -23.89 13.21
N GLY A 304 3.84 -23.71 13.98
CA GLY A 304 3.75 -23.04 15.27
C GLY A 304 4.63 -23.71 16.29
N SER A 305 5.43 -22.94 17.01
CA SER A 305 6.33 -23.49 18.01
C SER A 305 6.40 -22.52 19.19
N PRO A 306 6.67 -23.01 20.39
CA PRO A 306 6.90 -22.08 21.51
C PRO A 306 8.21 -21.35 21.38
N GLN A 307 9.13 -21.87 20.55
CA GLN A 307 10.34 -21.15 20.20
C GLN A 307 10.02 -19.83 19.49
N ASP A 308 8.80 -19.69 18.95
CA ASP A 308 8.48 -18.56 18.06
C ASP A 308 8.55 -17.23 18.78
N GLY A 309 8.15 -17.19 20.05
CA GLY A 309 8.28 -15.96 20.80
C GLY A 309 9.70 -15.46 20.81
N GLU A 310 10.65 -16.34 21.15
CA GLU A 310 12.04 -15.94 21.10
C GLU A 310 12.43 -15.53 19.69
N THR A 311 12.02 -16.33 18.69
CA THR A 311 12.33 -16.00 17.31
C THR A 311 11.79 -14.63 16.94
N TYR A 312 10.58 -14.31 17.40
CA TYR A 312 9.99 -13.00 17.13
C TYR A 312 10.84 -11.88 17.73
N VAL A 313 11.27 -12.04 18.98
CA VAL A 313 12.10 -11.04 19.64
C VAL A 313 13.39 -10.83 18.86
N LEU A 314 14.03 -11.92 18.46
CA LEU A 314 15.28 -11.84 17.71
C LEU A 314 15.08 -11.13 16.37
N LEU A 315 14.03 -11.52 15.63
CA LEU A 315 13.76 -10.92 14.33
C LEU A 315 13.62 -9.41 14.45
N MET A 316 12.92 -8.94 15.48
CA MET A 316 12.74 -7.50 15.63
C MET A 316 14.05 -6.80 16.00
N LYS A 317 14.86 -7.41 16.87
CA LYS A 317 16.17 -6.83 17.19
C LYS A 317 17.04 -6.77 15.94
N GLU A 318 17.14 -7.87 15.22
CA GLU A 318 18.02 -7.89 14.05
C GLU A 318 17.54 -6.90 13.00
N LEU A 319 16.23 -6.80 12.78
CA LEU A 319 15.72 -5.82 11.83
C LEU A 319 16.06 -4.39 12.29
N ARG A 320 15.83 -4.09 13.56
CA ARG A 320 16.20 -2.77 14.07
C ARG A 320 17.68 -2.48 13.80
N ALA A 321 18.56 -3.45 14.08
CA ALA A 321 19.99 -3.24 13.86
C ALA A 321 20.28 -2.98 12.39
N MET A 322 19.60 -3.72 11.52
CA MET A 322 19.74 -3.51 10.08
C MET A 322 19.32 -2.09 9.70
N LEU A 323 18.12 -1.67 10.12
CA LEU A 323 17.65 -0.31 9.81
C LEU A 323 18.60 0.74 10.37
N ASP A 324 19.15 0.50 11.57
CA ASP A 324 20.13 1.42 12.13
C ASP A 324 21.35 1.53 11.23
N GLN A 325 21.88 0.39 10.80
CA GLN A 325 22.97 0.41 9.81
C GLN A 325 22.56 1.14 8.55
N LEU A 326 21.38 0.82 8.02
CA LEU A 326 20.89 1.48 6.82
C LEU A 326 20.73 2.99 7.02
N SER A 327 20.29 3.40 8.22
CA SER A 327 20.21 4.85 8.51
C SER A 327 21.58 5.51 8.43
N VAL A 328 22.61 4.85 8.96
CA VAL A 328 23.99 5.30 8.82
C VAL A 328 24.35 5.54 7.36
N GLU A 329 23.97 4.62 6.47
CA GLU A 329 24.39 4.76 5.08
C GLU A 329 23.60 5.82 4.34
N THR A 330 22.35 6.07 4.72
CA THR A 330 21.47 6.92 3.94
C THR A 330 21.05 8.22 4.62
N GLY A 331 21.25 8.34 5.93
CA GLY A 331 20.85 9.51 6.67
C GLY A 331 19.39 9.56 7.05
N ARG A 332 18.60 8.59 6.62
CA ARG A 332 17.16 8.66 6.83
C ARG A 332 16.78 7.91 8.10
N LYS A 333 15.60 8.28 8.64
CA LYS A 333 14.99 7.56 9.75
C LYS A 333 14.08 6.47 9.21
N TYR A 334 14.12 5.29 9.83
CA TYR A 334 13.28 4.18 9.41
C TYR A 334 12.43 3.69 10.57
N GLU A 335 11.20 3.30 10.25
CA GLU A 335 10.29 2.76 11.25
C GLU A 335 10.23 1.25 11.13
N LEU A 336 10.17 0.59 12.28
CA LEU A 336 9.98 -0.86 12.36
C LEU A 336 8.68 -1.09 13.13
N THR A 337 7.73 -1.75 12.49
CA THR A 337 6.44 -1.97 13.12
C THR A 337 6.05 -3.44 13.01
N SER A 338 5.10 -3.85 13.86
CA SER A 338 4.56 -5.19 13.79
C SER A 338 3.06 -5.16 14.11
N ALA A 339 2.31 -6.04 13.44
CA ALA A 339 0.91 -6.28 13.74
C ALA A 339 0.82 -7.59 14.54
N ILE A 340 0.15 -7.53 15.70
CA ILE A 340 0.12 -8.68 16.59
C ILE A 340 -1.34 -8.98 16.92
N SER A 341 -1.60 -10.27 17.19
CA SER A 341 -2.95 -10.71 17.51
C SER A 341 -3.52 -9.96 18.71
N ALA A 342 -4.79 -9.56 18.60
CA ALA A 342 -5.41 -8.89 19.73
C ALA A 342 -6.01 -9.86 20.72
N GLY A 343 -6.20 -11.12 20.34
CA GLY A 343 -6.75 -12.10 21.23
C GLY A 343 -6.92 -13.48 20.61
N LYS A 344 -6.07 -14.40 21.03
CA LYS A 344 -6.26 -15.82 20.76
C LYS A 344 -5.81 -16.53 22.03
N ASP A 345 -5.69 -17.85 21.99
CA ASP A 345 -5.23 -18.49 23.20
C ASP A 345 -3.72 -18.32 23.33
N LYS A 346 -3.26 -18.19 24.58
CA LYS A 346 -1.86 -17.97 24.96
C LYS A 346 -1.31 -16.63 24.45
N ILE A 347 -2.17 -15.65 24.11
CA ILE A 347 -1.68 -14.33 23.72
C ILE A 347 -0.98 -13.63 24.87
N ASP A 348 -1.34 -13.99 26.12
CA ASP A 348 -0.66 -13.45 27.29
C ASP A 348 0.78 -13.94 27.35
N LYS A 349 1.01 -15.21 26.96
CA LYS A 349 2.37 -15.74 26.88
C LYS A 349 3.16 -15.04 25.77
N PHE A 350 2.50 -14.73 24.66
CA PHE A 350 3.19 -14.02 23.59
C PHE A 350 3.45 -12.57 23.96
N TYR A 351 2.53 -11.96 24.70
CA TYR A 351 2.66 -10.55 25.03
C TYR A 351 3.91 -10.29 25.86
N SER A 352 4.36 -11.29 26.63
CA SER A 352 5.60 -11.14 27.37
C SER A 352 6.78 -10.92 26.42
N PHE A 353 6.78 -11.63 25.29
CA PHE A 353 7.84 -11.40 24.29
C PHE A 353 7.69 -10.02 23.66
N VAL A 354 6.46 -9.57 23.39
CA VAL A 354 6.24 -8.23 22.87
C VAL A 354 6.86 -7.20 23.80
N ASN A 355 6.69 -7.40 25.10
CA ASN A 355 7.30 -6.52 26.09
C ASN A 355 8.83 -6.46 25.92
N VAL A 356 9.45 -7.59 25.56
CA VAL A 356 10.89 -7.57 25.38
C VAL A 356 11.26 -6.87 24.08
N ALA A 357 10.46 -7.06 23.03
CA ALA A 357 10.78 -6.55 21.71
C ALA A 357 10.29 -5.14 21.46
N GLN A 358 9.55 -4.54 22.40
CA GLN A 358 8.89 -3.28 22.10
C GLN A 358 9.89 -2.15 21.85
N ASN A 359 11.08 -2.24 22.44
CA ASN A 359 12.04 -1.16 22.22
C ASN A 359 12.69 -1.23 20.85
N SER A 360 12.53 -2.33 20.13
CA SER A 360 12.93 -2.39 18.73
C SER A 360 11.91 -1.75 17.80
N MET A 361 10.73 -1.40 18.27
CA MET A 361 9.59 -1.12 17.41
C MET A 361 9.04 0.29 17.63
N ASP A 362 8.68 0.95 16.53
CA ASP A 362 8.11 2.29 16.63
C ASP A 362 6.65 2.22 17.01
N HIS A 363 5.93 1.24 16.48
CA HIS A 363 4.50 1.11 16.74
C HIS A 363 4.12 -0.37 16.72
N ILE A 364 3.13 -0.70 17.54
CA ILE A 364 2.55 -2.03 17.54
C ILE A 364 1.13 -1.88 17.04
N PHE A 365 0.79 -2.59 15.96
CA PHE A 365 -0.55 -2.51 15.37
C PHE A 365 -1.41 -3.63 15.97
N LEU A 366 -2.27 -3.27 16.92
CA LEU A 366 -3.09 -4.27 17.59
C LEU A 366 -4.28 -4.62 16.71
N MET A 367 -4.32 -5.88 16.25
CA MET A 367 -5.35 -6.36 15.34
C MET A 367 -6.66 -6.66 16.09
N SER A 368 -7.24 -5.61 16.66
CA SER A 368 -8.49 -5.72 17.42
C SER A 368 -9.67 -5.79 16.46
N TYR A 369 -9.75 -6.93 15.76
CA TYR A 369 -10.87 -7.27 14.88
C TYR A 369 -10.77 -8.76 14.59
N ASP A 370 -11.73 -9.29 13.83
CA ASP A 370 -11.84 -10.72 13.56
C ASP A 370 -12.06 -11.55 14.84
N PHE A 371 -12.60 -10.91 15.89
CA PHE A 371 -12.96 -11.63 17.11
C PHE A 371 -14.05 -12.67 16.85
N TYR A 372 -14.90 -12.45 15.86
CA TYR A 372 -15.96 -13.37 15.49
C TYR A 372 -16.20 -13.25 13.99
N GLY A 373 -16.73 -14.30 13.40
CA GLY A 373 -17.01 -14.26 11.97
C GLY A 373 -17.56 -15.58 11.52
N ALA A 374 -17.74 -15.70 10.21
CA ALA A 374 -18.34 -16.92 9.66
C ALA A 374 -17.47 -18.15 9.88
N PHE A 375 -16.24 -17.99 10.39
CA PHE A 375 -15.41 -19.14 10.73
C PHE A 375 -15.87 -19.84 11.99
N ASP A 376 -16.93 -19.35 12.61
CA ASP A 376 -17.55 -19.99 13.77
C ASP A 376 -19.06 -19.74 13.66
N LEU A 377 -19.80 -20.75 13.21
CA LEU A 377 -21.23 -20.59 13.02
C LEU A 377 -22.03 -20.72 14.30
N LYS A 378 -21.38 -21.09 15.41
CA LYS A 378 -22.09 -21.42 16.65
C LYS A 378 -21.92 -20.38 17.74
N ASN A 379 -20.80 -19.67 17.78
CA ASN A 379 -20.58 -18.59 18.74
C ASN A 379 -20.52 -17.27 17.99
N LEU A 380 -21.62 -16.53 18.02
CA LEU A 380 -21.71 -15.25 17.34
C LEU A 380 -21.33 -14.13 18.31
N GLY A 381 -20.84 -13.02 17.75
CA GLY A 381 -20.47 -11.88 18.58
C GLY A 381 -19.96 -10.73 17.76
N HIS A 382 -19.59 -9.66 18.45
CA HIS A 382 -19.05 -8.45 17.84
C HIS A 382 -17.58 -8.67 17.42
N GLN A 383 -17.30 -8.53 16.12
CA GLN A 383 -15.97 -8.91 15.64
C GLN A 383 -14.90 -7.89 16.01
N THR A 384 -15.26 -6.66 16.31
CA THR A 384 -14.22 -5.64 16.49
C THR A 384 -14.57 -4.67 17.62
N ALA A 385 -15.35 -5.12 18.60
CA ALA A 385 -15.90 -4.21 19.59
C ALA A 385 -14.85 -3.76 20.60
N LEU A 386 -15.17 -2.69 21.30
CA LEU A 386 -14.30 -2.15 22.35
C LEU A 386 -14.42 -2.96 23.64
N ASN A 387 -15.66 -3.24 24.06
CA ASN A 387 -16.01 -3.90 25.31
C ASN A 387 -16.85 -5.13 25.04
N ALA A 388 -17.18 -5.85 26.12
CA ALA A 388 -18.08 -6.98 26.03
C ALA A 388 -19.53 -6.50 26.01
N PRO A 389 -20.41 -7.25 25.38
CA PRO A 389 -21.81 -6.82 25.31
C PRO A 389 -22.54 -7.15 26.62
N ALA A 390 -23.69 -6.49 26.82
CA ALA A 390 -24.46 -6.71 28.04
C ALA A 390 -24.68 -8.20 28.29
N TRP A 391 -25.02 -8.94 27.25
CA TRP A 391 -25.45 -10.32 27.40
C TRP A 391 -24.32 -11.31 27.64
N LYS A 392 -23.06 -10.86 27.63
CA LYS A 392 -21.95 -11.77 27.88
C LYS A 392 -20.75 -10.98 28.40
N PRO A 393 -20.84 -10.40 29.60
CA PRO A 393 -19.77 -9.51 30.07
C PRO A 393 -18.41 -10.18 30.19
N ASP A 394 -18.34 -11.51 30.10
CA ASP A 394 -17.09 -12.23 30.26
C ASP A 394 -16.43 -12.57 28.91
N THR A 395 -16.95 -12.03 27.81
CA THR A 395 -16.36 -12.25 26.48
C THR A 395 -14.86 -11.96 26.51
N ALA A 396 -14.08 -12.98 26.14
CA ALA A 396 -12.63 -12.84 26.21
C ALA A 396 -12.12 -11.82 25.21
N TYR A 397 -12.63 -11.84 23.98
CA TYR A 397 -11.99 -11.19 22.84
C TYR A 397 -12.62 -9.83 22.58
N THR A 398 -12.03 -8.79 23.16
CA THR A 398 -12.44 -7.40 22.97
C THR A 398 -11.20 -6.53 22.87
N THR A 399 -11.34 -5.37 22.22
CA THR A 399 -10.21 -4.43 22.12
C THR A 399 -9.61 -4.17 23.50
N VAL A 400 -10.47 -3.88 24.48
CA VAL A 400 -9.96 -3.50 25.80
C VAL A 400 -9.21 -4.66 26.44
N ASN A 401 -9.69 -5.89 26.28
CA ASN A 401 -8.97 -7.02 26.83
C ASN A 401 -7.58 -7.13 26.20
N GLY A 402 -7.48 -6.91 24.89
CA GLY A 402 -6.18 -6.95 24.25
C GLY A 402 -5.24 -5.88 24.78
N VAL A 403 -5.74 -4.64 24.88
CA VAL A 403 -4.88 -3.55 25.33
C VAL A 403 -4.46 -3.76 26.79
N ASN A 404 -5.39 -4.17 27.65
CA ASN A 404 -5.05 -4.41 29.04
C ASN A 404 -4.04 -5.53 29.19
N ALA A 405 -4.23 -6.62 28.43
CA ALA A 405 -3.28 -7.72 28.48
C ALA A 405 -1.88 -7.28 28.07
N LEU A 406 -1.77 -6.43 27.04
CA LEU A 406 -0.48 -5.91 26.62
C LEU A 406 0.14 -5.06 27.72
N LEU A 407 -0.63 -4.07 28.21
CA LEU A 407 -0.18 -3.21 29.30
C LEU A 407 0.23 -4.04 30.52
N ALA A 408 -0.60 -5.02 30.89
CA ALA A 408 -0.29 -5.92 31.99
C ALA A 408 1.10 -6.52 31.86
N GLN A 409 1.51 -6.80 30.64
CA GLN A 409 2.82 -7.37 30.40
C GLN A 409 3.92 -6.31 30.33
N GLY A 410 3.56 -5.04 30.48
CA GLY A 410 4.54 -3.96 30.48
C GLY A 410 4.82 -3.33 29.14
N VAL A 411 4.02 -3.62 28.11
CA VAL A 411 4.14 -2.90 26.86
C VAL A 411 3.80 -1.43 27.10
N LYS A 412 4.68 -0.53 26.65
CA LYS A 412 4.38 0.89 26.83
C LYS A 412 3.15 1.24 25.99
N PRO A 413 2.22 2.01 26.56
CA PRO A 413 0.96 2.26 25.84
C PRO A 413 1.13 3.08 24.58
N GLY A 414 2.14 3.98 24.54
CA GLY A 414 2.34 4.79 23.35
C GLY A 414 2.63 3.98 22.11
N LYS A 415 3.14 2.75 22.28
CA LYS A 415 3.40 1.89 21.14
C LYS A 415 2.12 1.32 20.55
N ILE A 416 1.07 1.22 21.36
CA ILE A 416 -0.13 0.47 21.02
C ILE A 416 -1.01 1.30 20.08
N VAL A 417 -1.20 0.80 18.86
CA VAL A 417 -2.11 1.41 17.88
C VAL A 417 -3.31 0.48 17.77
N VAL A 418 -4.49 1.01 18.04
CA VAL A 418 -5.70 0.19 18.10
C VAL A 418 -6.26 0.01 16.70
N GLY A 419 -6.73 -1.20 16.41
CA GLY A 419 -7.27 -1.51 15.10
C GLY A 419 -8.75 -1.20 14.94
N THR A 420 -9.10 -0.60 13.82
CA THR A 420 -10.48 -0.43 13.38
C THR A 420 -10.67 -1.19 12.08
N ALA A 421 -11.91 -1.60 11.82
CA ALA A 421 -12.23 -2.42 10.66
C ALA A 421 -13.05 -1.62 9.68
N MET A 422 -12.60 -1.60 8.42
CA MET A 422 -13.36 -1.04 7.32
C MET A 422 -14.15 -2.10 6.58
N TYR A 423 -14.38 -3.23 7.22
CA TYR A 423 -15.17 -4.32 6.67
C TYR A 423 -16.04 -4.88 7.79
N GLY A 424 -17.12 -5.53 7.40
CA GLY A 424 -17.83 -6.34 8.37
C GLY A 424 -17.57 -7.81 8.16
N ARG A 425 -17.77 -8.60 9.22
CA ARG A 425 -17.93 -10.03 9.08
C ARG A 425 -19.40 -10.37 9.35
N GLY A 426 -19.88 -11.44 8.73
CA GLY A 426 -21.29 -11.73 8.85
C GLY A 426 -21.68 -13.16 8.60
N TRP A 427 -22.88 -13.49 9.07
CA TRP A 427 -23.48 -14.82 8.98
C TRP A 427 -24.81 -14.74 8.25
N THR A 428 -25.26 -15.88 7.74
CA THR A 428 -26.63 -15.98 7.24
C THR A 428 -27.41 -16.98 8.09
N GLY A 429 -28.73 -16.85 8.03
CA GLY A 429 -29.63 -17.77 8.71
C GLY A 429 -29.48 -17.80 10.21
N VAL A 430 -29.12 -16.67 10.83
CA VAL A 430 -29.06 -16.63 12.28
C VAL A 430 -30.44 -16.93 12.83
N ASN A 431 -30.50 -17.90 13.75
CA ASN A 431 -31.78 -18.37 14.29
C ASN A 431 -31.58 -18.72 15.75
N GLY A 432 -32.69 -19.02 16.42
CA GLY A 432 -32.63 -19.50 17.78
C GLY A 432 -32.04 -18.50 18.74
N TYR A 433 -32.41 -17.23 18.59
CA TYR A 433 -31.85 -16.16 19.40
C TYR A 433 -32.92 -15.57 20.29
N GLN A 434 -32.53 -15.21 21.51
CA GLN A 434 -33.45 -14.69 22.51
C GLN A 434 -33.34 -13.17 22.61
N ASN A 435 -34.42 -12.55 23.07
CA ASN A 435 -34.48 -11.12 23.41
C ASN A 435 -34.24 -10.23 22.20
N ASN A 436 -34.46 -10.75 21.00
CA ASN A 436 -34.08 -10.05 19.76
C ASN A 436 -32.60 -9.62 19.79
N ILE A 437 -31.75 -10.47 20.33
CA ILE A 437 -30.29 -10.30 20.23
C ILE A 437 -29.78 -11.40 19.31
N PRO A 438 -29.55 -11.12 18.02
CA PRO A 438 -29.18 -12.19 17.09
C PRO A 438 -27.89 -12.91 17.47
N PHE A 439 -27.00 -12.26 18.24
CA PHE A 439 -25.73 -12.86 18.62
C PHE A 439 -25.88 -14.00 19.60
N THR A 440 -27.06 -14.17 20.19
CA THR A 440 -27.29 -15.28 21.12
C THR A 440 -27.78 -16.54 20.42
N GLY A 441 -28.01 -16.48 19.11
CA GLY A 441 -28.40 -17.65 18.34
C GLY A 441 -27.23 -18.35 17.70
N THR A 442 -27.50 -19.00 16.58
CA THR A 442 -26.49 -19.67 15.78
C THR A 442 -26.81 -19.46 14.31
N ALA A 443 -25.84 -19.79 13.46
CA ALA A 443 -25.93 -19.47 12.06
C ALA A 443 -25.83 -20.74 11.24
N THR A 444 -26.32 -20.69 10.02
CA THR A 444 -26.21 -21.81 9.11
C THR A 444 -25.10 -21.63 8.08
N GLY A 445 -24.44 -20.47 8.05
CA GLY A 445 -23.46 -20.20 7.03
C GLY A 445 -23.04 -18.75 6.98
N PRO A 446 -22.13 -18.44 6.07
CA PRO A 446 -21.61 -17.08 5.97
C PRO A 446 -22.60 -16.17 5.27
N VAL A 447 -22.57 -14.90 5.67
CA VAL A 447 -23.27 -13.88 4.91
C VAL A 447 -22.63 -13.82 3.52
N LYS A 448 -23.44 -13.48 2.51
CA LYS A 448 -22.91 -13.28 1.18
C LYS A 448 -22.02 -12.04 1.18
N GLY A 449 -20.77 -12.21 0.72
CA GLY A 449 -19.79 -11.16 0.86
C GLY A 449 -19.69 -10.26 -0.35
N THR A 450 -18.88 -9.21 -0.20
CA THR A 450 -18.63 -8.32 -1.32
C THR A 450 -17.72 -8.99 -2.34
N TRP A 451 -16.61 -9.53 -1.88
CA TRP A 451 -15.65 -10.20 -2.74
C TRP A 451 -15.47 -11.65 -2.34
N GLU A 452 -15.45 -11.96 -1.04
CA GLU A 452 -15.39 -13.32 -0.55
C GLU A 452 -16.47 -13.53 0.51
N ASN A 453 -16.83 -14.80 0.72
CA ASN A 453 -17.87 -15.17 1.68
C ASN A 453 -17.57 -14.64 3.07
N GLY A 454 -18.63 -14.21 3.78
CA GLY A 454 -18.54 -13.85 5.18
C GLY A 454 -17.89 -12.51 5.50
N ILE A 455 -17.58 -11.71 4.49
CA ILE A 455 -16.89 -10.43 4.67
C ILE A 455 -17.51 -9.41 3.73
N VAL A 456 -17.83 -8.24 4.25
CA VAL A 456 -18.54 -7.17 3.53
C VAL A 456 -17.75 -5.86 3.68
N ASP A 457 -17.44 -5.22 2.56
CA ASP A 457 -16.90 -3.85 2.60
C ASP A 457 -17.81 -2.94 3.42
N TYR A 458 -17.20 -2.10 4.27
CA TYR A 458 -18.02 -1.11 4.97
C TYR A 458 -18.83 -0.26 3.98
N ARG A 459 -18.23 0.12 2.84
CA ARG A 459 -18.96 0.89 1.84
C ARG A 459 -20.27 0.21 1.43
N GLN A 460 -20.26 -1.12 1.28
CA GLN A 460 -21.50 -1.79 0.91
C GLN A 460 -22.48 -1.87 2.09
N ILE A 461 -21.98 -2.04 3.31
CA ILE A 461 -22.84 -1.97 4.49
C ILE A 461 -23.59 -0.65 4.51
N ALA A 462 -22.85 0.46 4.50
CA ALA A 462 -23.47 1.78 4.52
C ALA A 462 -24.35 2.00 3.29
N GLY A 463 -23.93 1.47 2.14
CA GLY A 463 -24.64 1.80 0.92
C GLY A 463 -25.92 1.02 0.74
N GLN A 464 -25.98 -0.18 1.32
CA GLN A 464 -27.02 -1.14 0.97
C GLN A 464 -27.75 -1.74 2.17
N PHE A 465 -27.09 -1.89 3.33
CA PHE A 465 -27.59 -2.75 4.41
C PHE A 465 -27.86 -2.02 5.72
N MET A 466 -28.22 -0.73 5.69
CA MET A 466 -28.50 0.00 6.93
C MET A 466 -29.97 0.34 7.10
N SER A 467 -30.84 -0.17 6.24
CA SER A 467 -32.23 0.29 6.18
C SER A 467 -33.00 -0.70 5.32
N GLY A 468 -34.29 -0.42 5.13
CA GLY A 468 -35.12 -1.27 4.30
C GLY A 468 -35.36 -2.60 4.96
N GLU A 469 -34.95 -3.69 4.29
CA GLU A 469 -35.03 -5.00 4.91
C GLU A 469 -34.04 -5.17 6.07
N TRP A 470 -33.20 -4.17 6.33
CA TRP A 470 -32.15 -4.29 7.33
C TRP A 470 -32.43 -3.39 8.53
N GLN A 471 -32.04 -3.86 9.70
CA GLN A 471 -32.13 -3.07 10.91
C GLN A 471 -30.73 -2.74 11.39
N TYR A 472 -30.48 -1.46 11.60
CA TYR A 472 -29.19 -0.94 11.99
C TYR A 472 -29.28 -0.59 13.48
N THR A 473 -28.54 -1.33 14.29
CA THR A 473 -28.54 -1.18 15.74
C THR A 473 -27.13 -0.94 16.23
N TYR A 474 -26.98 -0.07 17.23
CA TYR A 474 -25.69 0.21 17.85
C TYR A 474 -25.69 -0.25 19.30
N ASP A 475 -24.77 -1.16 19.65
CA ASP A 475 -24.65 -1.70 20.99
C ASP A 475 -23.78 -0.76 21.82
N ALA A 476 -24.42 0.07 22.64
CA ALA A 476 -23.67 1.11 23.34
C ALA A 476 -22.86 0.59 24.50
N THR A 477 -23.05 -0.67 24.90
CA THR A 477 -22.19 -1.26 25.92
C THR A 477 -20.90 -1.78 25.30
N ALA A 478 -21.02 -2.59 24.25
CA ALA A 478 -19.85 -3.08 23.55
C ALA A 478 -19.15 -2.00 22.75
N GLU A 479 -19.86 -0.93 22.37
CA GLU A 479 -19.44 0.02 21.35
C GLU A 479 -19.17 -0.70 20.03
N ALA A 480 -20.27 -1.17 19.43
CA ALA A 480 -20.24 -2.04 18.28
C ALA A 480 -21.56 -1.98 17.52
N PRO A 481 -21.55 -1.56 16.25
CA PRO A 481 -22.75 -1.66 15.42
C PRO A 481 -22.91 -3.02 14.76
N TYR A 482 -24.13 -3.24 14.30
CA TYR A 482 -24.44 -4.40 13.49
C TYR A 482 -25.70 -4.11 12.70
N VAL A 483 -25.84 -4.80 11.59
CA VAL A 483 -27.08 -4.75 10.83
C VAL A 483 -27.60 -6.17 10.71
N PHE A 484 -28.92 -6.29 10.63
CA PHE A 484 -29.59 -7.57 10.72
C PHE A 484 -30.80 -7.57 9.82
N LYS A 485 -30.92 -8.61 9.01
CA LYS A 485 -32.01 -8.79 8.07
C LYS A 485 -32.85 -9.96 8.55
N PRO A 486 -33.93 -9.72 9.32
CA PRO A 486 -34.62 -10.84 9.97
C PRO A 486 -35.27 -11.81 8.99
N SER A 487 -35.63 -11.37 7.79
CA SER A 487 -36.21 -12.28 6.80
C SER A 487 -35.27 -13.43 6.45
N THR A 488 -33.96 -13.21 6.48
CA THR A 488 -33.01 -14.23 6.07
C THR A 488 -32.02 -14.60 7.16
N GLY A 489 -32.10 -13.97 8.34
CA GLY A 489 -31.10 -14.19 9.37
C GLY A 489 -29.70 -13.70 9.02
N ASP A 490 -29.58 -12.76 8.07
CA ASP A 490 -28.28 -12.16 7.75
C ASP A 490 -27.86 -11.18 8.84
N LEU A 491 -26.69 -11.43 9.44
CA LEU A 491 -26.18 -10.61 10.55
C LEU A 491 -24.74 -10.23 10.23
N ILE A 492 -24.45 -8.92 10.25
CA ILE A 492 -23.13 -8.36 9.93
C ILE A 492 -22.66 -7.52 11.11
N THR A 493 -21.42 -7.77 11.56
CA THR A 493 -20.79 -7.02 12.66
C THR A 493 -19.59 -6.27 12.09
N PHE A 494 -19.47 -4.99 12.45
CA PHE A 494 -18.52 -4.11 11.77
C PHE A 494 -18.23 -2.91 12.66
N ASP A 495 -17.39 -1.99 12.16
CA ASP A 495 -17.15 -0.70 12.78
C ASP A 495 -17.90 0.40 12.03
N ASP A 496 -18.29 1.44 12.74
CA ASP A 496 -18.89 2.61 12.12
C ASP A 496 -18.30 3.85 12.77
N ALA A 497 -18.74 5.02 12.31
CA ALA A 497 -18.16 6.26 12.82
C ALA A 497 -18.29 6.35 14.33
N ARG A 498 -19.40 5.85 14.88
CA ARG A 498 -19.62 5.94 16.33
C ARG A 498 -18.68 5.03 17.09
N SER A 499 -18.57 3.76 16.66
CA SER A 499 -17.69 2.85 17.39
C SER A 499 -16.22 3.19 17.16
N VAL A 500 -15.89 3.68 15.97
CA VAL A 500 -14.54 4.20 15.73
C VAL A 500 -14.24 5.35 16.69
N GLN A 501 -15.22 6.23 16.89
CA GLN A 501 -15.01 7.34 17.82
C GLN A 501 -14.80 6.84 19.24
N ALA A 502 -15.53 5.79 19.63
CA ALA A 502 -15.32 5.21 20.96
C ALA A 502 -13.87 4.76 21.12
N LYS A 503 -13.36 4.05 20.11
CA LYS A 503 -11.96 3.62 20.12
C LYS A 503 -11.01 4.81 20.19
N GLY A 504 -11.24 5.84 19.37
CA GLY A 504 -10.34 6.97 19.37
C GLY A 504 -10.32 7.71 20.69
N LYS A 505 -11.50 7.89 21.31
CA LYS A 505 -11.56 8.54 22.61
C LYS A 505 -10.86 7.69 23.65
N TYR A 506 -11.14 6.38 23.65
CA TYR A 506 -10.40 5.42 24.47
C TYR A 506 -8.89 5.58 24.29
N VAL A 507 -8.43 5.68 23.04
CA VAL A 507 -7.02 5.87 22.76
C VAL A 507 -6.51 7.11 23.46
N LEU A 508 -7.29 8.19 23.43
CA LEU A 508 -6.86 9.44 24.04
C LEU A 508 -6.78 9.32 25.56
N ASP A 509 -7.83 8.79 26.20
CA ASP A 509 -7.75 8.55 27.63
C ASP A 509 -6.53 7.73 27.98
N LYS A 510 -6.47 6.51 27.47
CA LYS A 510 -5.43 5.59 27.87
C LYS A 510 -4.05 5.94 27.26
N GLN A 511 -3.88 7.10 26.63
CA GLN A 511 -2.59 7.54 26.10
C GLN A 511 -1.95 6.53 25.15
N LEU A 512 -2.77 5.80 24.40
CA LEU A 512 -2.26 4.89 23.40
C LEU A 512 -1.77 5.67 22.18
N GLY A 513 -1.27 4.94 21.19
CA GLY A 513 -0.54 5.57 20.10
C GLY A 513 -1.33 6.10 18.94
N GLY A 514 -2.55 5.62 18.74
CA GLY A 514 -3.40 6.06 17.65
C GLY A 514 -4.30 4.93 17.15
N LEU A 515 -4.68 5.02 15.88
CA LEU A 515 -5.58 4.06 15.26
C LEU A 515 -5.01 3.64 13.91
N PHE A 516 -5.35 2.42 13.49
CA PHE A 516 -5.05 1.98 12.14
C PHE A 516 -6.21 1.13 11.67
N SER A 517 -6.26 0.87 10.36
CA SER A 517 -7.41 0.18 9.80
C SER A 517 -7.02 -0.80 8.70
N TRP A 518 -7.91 -1.75 8.48
CA TRP A 518 -7.89 -2.67 7.34
C TRP A 518 -9.28 -2.66 6.72
N GLU A 519 -9.40 -2.50 5.40
CA GLU A 519 -8.35 -2.11 4.45
C GLU A 519 -8.87 -0.86 3.70
N ILE A 520 -7.97 0.06 3.36
CA ILE A 520 -8.36 1.41 2.95
C ILE A 520 -9.38 1.43 1.82
N ASP A 521 -9.32 0.44 0.91
CA ASP A 521 -10.20 0.44 -0.26
C ASP A 521 -11.67 0.29 0.08
N ALA A 522 -11.99 -0.28 1.26
CA ALA A 522 -13.37 -0.66 1.55
C ALA A 522 -14.13 0.41 2.32
N ASP A 523 -13.47 1.49 2.71
CA ASP A 523 -14.10 2.62 3.36
C ASP A 523 -14.79 3.49 2.31
N ASN A 524 -15.88 4.16 2.72
CA ASN A 524 -16.46 5.21 1.91
C ASN A 524 -16.04 6.59 2.39
N GLY A 525 -15.23 6.67 3.45
CA GLY A 525 -14.81 7.92 4.03
C GLY A 525 -15.23 8.11 5.47
N ASP A 526 -16.36 7.49 5.87
CA ASP A 526 -16.86 7.70 7.23
C ASP A 526 -15.88 7.16 8.27
N ILE A 527 -15.28 6.00 8.01
CA ILE A 527 -14.36 5.41 8.99
C ILE A 527 -13.12 6.28 9.16
N LEU A 528 -12.41 6.54 8.07
CA LEU A 528 -11.19 7.34 8.18
C LEU A 528 -11.50 8.72 8.73
N ASN A 529 -12.65 9.29 8.34
CA ASN A 529 -13.07 10.58 8.90
C ASN A 529 -13.21 10.50 10.43
N SER A 530 -13.93 9.48 10.90
CA SER A 530 -14.11 9.31 12.35
C SER A 530 -12.77 9.02 13.03
N MET A 531 -11.90 8.23 12.38
CA MET A 531 -10.57 7.98 12.94
C MET A 531 -9.84 9.29 13.20
N ASN A 532 -9.89 10.21 12.26
CA ASN A 532 -9.19 11.48 12.43
C ASN A 532 -9.90 12.35 13.47
N ALA A 533 -11.19 12.61 13.27
CA ALA A 533 -11.94 13.45 14.21
C ALA A 533 -11.77 12.99 15.65
N SER A 534 -12.00 11.69 15.92
CA SER A 534 -11.99 11.21 17.30
C SER A 534 -10.60 11.28 17.93
N LEU A 535 -9.54 11.28 17.14
CA LEU A 535 -8.20 11.39 17.70
C LEU A 535 -7.75 12.82 17.89
N GLY A 536 -8.57 13.80 17.52
CA GLY A 536 -8.29 15.18 17.82
C GLY A 536 -8.11 16.08 16.63
N ALA A 537 -7.94 15.55 15.42
CA ALA A 537 -7.88 16.42 14.25
C ALA A 537 -9.23 17.08 14.01
N ALA A 538 -9.22 18.28 13.43
CA ALA A 538 -10.47 18.97 13.09
C ALA A 538 -10.46 19.38 11.61
N ASP A 539 -11.63 19.83 11.15
CA ASP A 539 -11.91 20.04 9.74
C ASP A 539 -11.07 21.17 9.15
N TYR A 540 -11.01 21.19 7.83
CA TYR A 540 -10.04 22.00 7.09
C TYR A 540 -10.72 22.91 6.09
N ASN A 560 -22.84 18.61 -24.72
CA ASN A 560 -21.84 19.54 -25.25
C ASN A 560 -20.79 18.78 -26.06
N LEU A 561 -20.78 17.45 -25.89
CA LEU A 561 -19.89 16.50 -26.55
C LEU A 561 -20.47 16.09 -27.90
N PRO A 562 -19.61 15.83 -28.88
CA PRO A 562 -20.09 15.39 -30.20
C PRO A 562 -20.87 14.09 -30.10
N ILE A 563 -21.84 13.93 -31.00
CA ILE A 563 -22.55 12.67 -31.11
C ILE A 563 -21.58 11.63 -31.63
N MET A 564 -21.47 10.51 -30.93
CA MET A 564 -20.54 9.47 -31.34
C MET A 564 -21.23 8.12 -31.26
N THR A 565 -20.54 7.13 -31.79
CA THR A 565 -21.04 5.77 -31.86
C THR A 565 -19.89 4.87 -31.44
N ALA A 566 -20.20 3.85 -30.64
CA ALA A 566 -19.19 2.91 -30.19
C ALA A 566 -19.86 1.70 -29.56
N PRO A 567 -19.23 0.53 -29.65
CA PRO A 567 -19.84 -0.68 -29.08
C PRO A 567 -20.13 -0.52 -27.59
N ALA A 568 -21.13 -1.25 -27.13
CA ALA A 568 -21.44 -1.23 -25.71
C ALA A 568 -20.27 -1.78 -24.92
N TYR A 569 -19.93 -1.07 -23.86
CA TYR A 569 -18.99 -1.58 -22.86
C TYR A 569 -19.37 -3.01 -22.46
N VAL A 570 -18.38 -3.89 -22.43
CA VAL A 570 -18.59 -5.29 -22.04
C VAL A 570 -17.86 -5.54 -20.72
N PRO A 571 -18.56 -5.70 -19.60
CA PRO A 571 -17.87 -6.02 -18.35
C PRO A 571 -17.10 -7.32 -18.51
N GLY A 572 -15.90 -7.35 -17.94
CA GLY A 572 -15.02 -8.49 -18.07
C GLY A 572 -13.98 -8.34 -19.16
N THR A 573 -14.17 -7.41 -20.08
CA THR A 573 -13.20 -7.16 -21.16
C THR A 573 -12.06 -6.31 -20.61
N THR A 574 -10.84 -6.66 -20.99
CA THR A 574 -9.68 -5.83 -20.67
C THR A 574 -9.35 -4.99 -21.90
N TYR A 575 -9.42 -3.66 -21.76
CA TYR A 575 -9.33 -2.73 -22.88
C TYR A 575 -7.92 -2.15 -23.01
N ALA A 576 -7.46 -2.00 -24.25
CA ALA A 576 -6.20 -1.32 -24.49
C ALA A 576 -6.41 0.19 -24.54
N GLN A 577 -5.31 0.94 -24.53
CA GLN A 577 -5.43 2.40 -24.57
C GLN A 577 -6.08 2.86 -25.87
N GLY A 578 -7.01 3.82 -25.74
CA GLY A 578 -7.72 4.34 -26.89
C GLY A 578 -9.02 3.64 -27.21
N ALA A 579 -9.38 2.61 -26.47
CA ALA A 579 -10.66 1.95 -26.71
C ALA A 579 -11.79 2.96 -26.57
N LEU A 580 -12.83 2.77 -27.38
CA LEU A 580 -14.03 3.59 -27.32
C LEU A 580 -15.21 2.69 -27.04
N VAL A 581 -15.88 2.91 -25.92
CA VAL A 581 -17.07 2.15 -25.54
C VAL A 581 -18.23 3.12 -25.34
N SER A 582 -19.43 2.64 -25.61
CA SER A 582 -20.64 3.33 -25.20
C SER A 582 -21.11 2.73 -23.89
N TYR A 583 -21.50 3.60 -22.95
CA TYR A 583 -21.89 3.16 -21.62
C TYR A 583 -22.66 4.29 -20.97
N GLN A 584 -23.92 4.03 -20.62
CA GLN A 584 -24.78 4.98 -19.92
C GLN A 584 -24.92 6.29 -20.71
N GLY A 585 -25.13 6.15 -22.02
CA GLY A 585 -25.46 7.27 -22.88
C GLY A 585 -24.28 8.03 -23.42
N TYR A 586 -23.08 7.75 -22.95
CA TYR A 586 -21.90 8.44 -23.43
C TYR A 586 -20.95 7.46 -24.09
N VAL A 587 -20.11 8.01 -24.95
CA VAL A 587 -18.99 7.29 -25.53
C VAL A 587 -17.73 7.66 -24.75
N TRP A 588 -17.02 6.65 -24.27
CA TRP A 588 -15.85 6.84 -23.43
C TRP A 588 -14.58 6.36 -24.13
N GLN A 589 -13.45 6.77 -23.55
CA GLN A 589 -12.15 6.46 -24.12
C GLN A 589 -11.19 6.17 -22.98
N THR A 590 -10.48 5.06 -23.08
CA THR A 590 -9.45 4.77 -22.08
C THR A 590 -8.24 5.66 -22.34
N LYS A 591 -7.78 6.33 -21.28
CA LYS A 591 -6.61 7.19 -21.38
C LYS A 591 -5.30 6.40 -21.30
N TRP A 592 -5.32 5.19 -20.76
CA TRP A 592 -4.15 4.33 -20.78
C TRP A 592 -4.64 2.88 -20.86
N GLY A 593 -3.71 1.94 -20.71
CA GLY A 593 -3.97 0.55 -20.99
C GLY A 593 -4.33 -0.29 -19.78
N TYR A 594 -4.73 -1.53 -20.08
CA TYR A 594 -5.10 -2.55 -19.10
C TYR A 594 -6.26 -2.11 -18.22
N ILE A 595 -7.35 -1.70 -18.85
CA ILE A 595 -8.51 -1.19 -18.13
C ILE A 595 -9.60 -2.24 -18.12
N THR A 596 -10.07 -2.58 -16.91
CA THR A 596 -11.19 -3.49 -16.72
C THR A 596 -12.36 -2.84 -16.02
N SER A 597 -12.25 -1.57 -15.64
CA SER A 597 -13.29 -0.93 -14.86
C SER A 597 -14.41 -0.40 -15.76
N ALA A 598 -15.58 -0.21 -15.17
CA ALA A 598 -16.66 0.42 -15.90
C ALA A 598 -16.36 1.90 -16.09
N PRO A 599 -16.76 2.48 -17.21
CA PRO A 599 -16.48 3.90 -17.45
C PRO A 599 -17.12 4.78 -16.40
N GLY A 600 -16.32 5.71 -15.87
CA GLY A 600 -16.75 6.60 -14.80
C GLY A 600 -16.28 6.22 -13.42
N SER A 601 -15.90 4.95 -13.20
CA SER A 601 -15.53 4.53 -11.86
C SER A 601 -14.10 4.92 -11.48
N ASP A 602 -13.31 5.45 -12.41
CA ASP A 602 -11.96 5.88 -12.09
C ASP A 602 -11.54 6.97 -13.09
N SER A 603 -10.29 7.39 -12.99
CA SER A 603 -9.80 8.45 -13.84
C SER A 603 -9.23 7.94 -15.15
N ALA A 604 -9.38 6.63 -15.42
CA ALA A 604 -8.81 6.01 -16.61
C ALA A 604 -9.67 6.19 -17.86
N TRP A 605 -10.96 6.52 -17.69
CA TRP A 605 -11.87 6.74 -18.80
C TRP A 605 -12.13 8.24 -19.00
N LEU A 606 -12.23 8.65 -20.26
CA LEU A 606 -12.48 10.03 -20.62
C LEU A 606 -13.78 10.10 -21.42
N LYS A 607 -14.71 10.94 -20.97
CA LYS A 607 -15.97 11.13 -21.71
C LYS A 607 -15.70 11.94 -22.97
N VAL A 608 -15.97 11.36 -24.13
CA VAL A 608 -15.65 12.00 -25.41
C VAL A 608 -16.88 12.22 -26.28
N GLY A 609 -18.01 11.58 -25.99
CA GLY A 609 -19.14 11.67 -26.90
C GLY A 609 -20.47 11.40 -26.24
N ARG A 610 -21.52 11.70 -27.02
CA ARG A 610 -22.91 11.44 -26.67
C ARG A 610 -23.45 10.39 -27.64
N VAL A 611 -24.38 9.56 -27.15
CA VAL A 611 -25.03 8.55 -27.97
C VAL A 611 -26.38 9.11 -28.42
N ALA A 612 -26.73 8.89 -29.69
CA ALA A 612 -27.96 9.43 -30.26
C ALA A 612 -29.18 8.92 -29.51
N HIS A 613 -29.96 9.83 -28.94
CA HIS A 613 -31.20 9.48 -28.26
C HIS A 613 -32.39 9.61 -29.23
#